data_3QCJ
#
_entry.id   3QCJ
#
_cell.length_a   75.700
_cell.length_b   75.700
_cell.length_c   152.200
_cell.angle_alpha   90.00
_cell.angle_beta   90.00
_cell.angle_gamma   120.00
#
_symmetry.space_group_name_H-M   'P 32 2 1'
#
loop_
_entity.id
_entity.type
_entity.pdbx_description
1 polymer 'Receptor-type tyrosine-protein phosphatase gamma'
2 non-polymer '5-[({3-[(3,4-dichlorobenzyl)sulfanyl]thiophen-2-yl}carbonyl)sulfamoyl]-2-methoxybenzoic acid'
3 water water
#
_entity_poly.entity_id   1
_entity_poly.type   'polypeptide(L)'
_entity_poly.pdbx_seq_one_letter_code
;GSHMGSMEAIPVKQFVKHIGELYSNNQHGFSEDFEEVQRCTADMNITAEHSNHPENKHKNRYINILAYDHSRVKLRPLPG
KDSKHSDYINANYVDGYNKAKAYIATQGPLKSTFEDFWRMIWEQNTGIIVMITNLVEKGRRKCDQYWPTENSEEYGNIIV
TLKSTKIHACYTVRRFSIRNTKVKKGQKGNPKGRQNERVVIQYHYTQWPDMGVPEYALPVLTFVRRSSAARMPETGPVLV
HCSAGVGRTGTYIVIDSMLQQIKDKSTVNVLGFLKHIRTQRNYLVQTEEQYIFIHDALLEAILGKETEVS
;
_entity_poly.pdbx_strand_id   A
#
# COMPACT_ATOMS: atom_id res chain seq x y z
N MET A 7 -23.53 -5.21 -10.39
CA MET A 7 -22.13 -4.73 -10.32
C MET A 7 -21.13 -5.90 -10.27
N GLU A 8 -20.61 -6.28 -11.43
CA GLU A 8 -19.65 -7.38 -11.51
C GLU A 8 -18.68 -7.18 -12.68
N ALA A 9 -17.83 -8.17 -12.90
CA ALA A 9 -16.71 -8.05 -13.83
C ALA A 9 -17.12 -7.51 -15.18
N ILE A 10 -16.47 -6.42 -15.60
CA ILE A 10 -16.64 -5.87 -16.93
C ILE A 10 -15.60 -6.48 -17.87
N PRO A 11 -16.03 -6.96 -19.05
CA PRO A 11 -15.07 -7.49 -20.01
C PRO A 11 -14.04 -6.42 -20.35
N VAL A 12 -12.79 -6.84 -20.52
CA VAL A 12 -11.70 -5.90 -20.68
C VAL A 12 -11.91 -5.04 -21.92
N LYS A 13 -12.71 -5.54 -22.88
CA LYS A 13 -12.92 -4.85 -24.14
C LYS A 13 -13.94 -3.72 -24.05
N GLN A 14 -14.79 -3.78 -23.03
CA GLN A 14 -15.81 -2.76 -22.83
C GLN A 14 -15.34 -1.72 -21.82
N PHE A 15 -14.32 -2.08 -21.05
CA PHE A 15 -13.89 -1.28 -19.91
C PHE A 15 -13.39 0.09 -20.35
N VAL A 16 -12.71 0.11 -21.49
CA VAL A 16 -12.09 1.33 -21.98
C VAL A 16 -13.15 2.32 -22.45
N LYS A 17 -14.23 1.76 -23.01
CA LYS A 17 -15.38 2.55 -23.39
C LYS A 17 -16.07 3.06 -22.12
N HIS A 18 -16.14 2.19 -21.12
CA HIS A 18 -16.70 2.54 -19.82
C HIS A 18 -15.99 3.78 -19.24
N ILE A 19 -14.66 3.80 -19.37
CA ILE A 19 -13.89 4.93 -18.88
C ILE A 19 -14.28 6.24 -19.60
N GLY A 20 -14.52 6.16 -20.91
CA GLY A 20 -14.96 7.36 -21.62
C GLY A 20 -16.25 7.87 -21.00
N GLU A 21 -17.13 6.95 -20.68
CA GLU A 21 -18.43 7.26 -20.11
C GLU A 21 -18.30 7.87 -18.72
N LEU A 22 -17.42 7.30 -17.90
CA LEU A 22 -17.19 7.80 -16.55
C LEU A 22 -16.60 9.21 -16.57
N TYR A 23 -15.77 9.49 -17.56
CA TYR A 23 -15.10 10.78 -17.69
C TYR A 23 -16.04 11.88 -18.17
N SER A 24 -17.08 11.50 -18.90
CA SER A 24 -17.86 12.49 -19.63
C SER A 24 -18.65 13.38 -18.69
N ASN A 25 -19.06 14.54 -19.19
CA ASN A 25 -19.82 15.50 -18.40
C ASN A 25 -19.09 15.75 -17.09
N ASN A 26 -17.84 16.17 -17.23
CA ASN A 26 -17.00 16.55 -16.10
C ASN A 26 -16.93 15.47 -15.03
N GLN A 27 -16.69 14.25 -15.47
CA GLN A 27 -16.38 13.15 -14.57
C GLN A 27 -17.53 12.85 -13.62
N HIS A 28 -18.75 13.14 -14.06
CA HIS A 28 -19.95 12.81 -13.30
C HIS A 28 -19.99 11.34 -12.90
N GLY A 29 -19.77 10.45 -13.87
CA GLY A 29 -19.74 9.02 -13.59
C GLY A 29 -18.74 8.63 -12.51
N PHE A 30 -17.50 9.11 -12.64
CA PHE A 30 -16.49 8.87 -11.62
C PHE A 30 -16.95 9.33 -10.25
N SER A 31 -17.60 10.48 -10.19
CA SER A 31 -18.08 11.02 -8.91
C SER A 31 -19.13 10.11 -8.27
N GLU A 32 -20.09 9.65 -9.07
CA GLU A 32 -21.07 8.68 -8.58
C GLU A 32 -20.38 7.47 -7.98
N ASP A 33 -19.51 6.84 -8.75
CA ASP A 33 -18.81 5.64 -8.32
C ASP A 33 -18.11 5.86 -6.99
N PHE A 34 -17.29 6.91 -6.90
CA PHE A 34 -16.47 7.11 -5.72
C PHE A 34 -17.32 7.50 -4.51
N GLU A 35 -18.40 8.23 -4.75
CA GLU A 35 -19.32 8.54 -3.67
C GLU A 35 -19.97 7.27 -3.16
N GLU A 36 -20.24 6.34 -4.06
CA GLU A 36 -20.74 5.03 -3.66
C GLU A 36 -19.69 4.28 -2.86
N VAL A 37 -18.42 4.44 -3.24
CA VAL A 37 -17.34 3.85 -2.47
C VAL A 37 -17.35 4.39 -1.05
N GLN A 38 -17.43 5.72 -0.93
CA GLN A 38 -17.30 6.33 0.37
C GLN A 38 -18.52 6.03 1.25
N ARG A 39 -19.65 5.74 0.63
CA ARG A 39 -20.84 5.32 1.36
C ARG A 39 -20.85 3.83 1.66
N CYS A 40 -19.96 3.07 1.04
CA CYS A 40 -20.07 1.61 1.04
C CYS A 40 -19.95 1.01 2.43
N THR A 41 -19.51 1.81 3.40
CA THR A 41 -19.43 1.35 4.79
C THR A 41 -20.46 2.03 5.71
N ALA A 42 -21.37 2.81 5.13
CA ALA A 42 -22.30 3.60 5.91
C ALA A 42 -23.07 2.74 6.91
N ASP A 43 -23.40 1.52 6.52
CA ASP A 43 -24.16 0.64 7.40
C ASP A 43 -23.26 -0.39 8.04
N MET A 44 -21.99 -0.02 8.22
CA MET A 44 -21.01 -0.88 8.86
C MET A 44 -20.31 -0.21 10.01
N ASN A 45 -20.38 -0.85 11.18
CA ASN A 45 -19.61 -0.47 12.32
C ASN A 45 -18.42 -1.42 12.34
N ILE A 46 -17.21 -0.89 12.14
CA ILE A 46 -16.04 -1.74 12.13
C ILE A 46 -15.09 -1.30 13.24
N THR A 47 -14.84 -2.20 14.19
CA THR A 47 -14.12 -1.79 15.39
C THR A 47 -12.63 -1.64 15.16
N ALA A 48 -12.06 -0.63 15.81
CA ALA A 48 -10.62 -0.45 15.87
C ALA A 48 -10.27 -0.03 17.29
N GLU A 49 -10.42 -0.96 18.23
CA GLU A 49 -10.25 -0.65 19.65
C GLU A 49 -8.79 -0.51 19.98
N HIS A 50 -7.97 -1.35 19.39
CA HIS A 50 -6.54 -1.33 19.67
C HIS A 50 -5.92 -0.01 19.19
N SER A 51 -6.29 0.43 17.99
CA SER A 51 -5.76 1.70 17.46
C SER A 51 -6.07 2.84 18.42
N ASN A 52 -7.24 2.76 19.06
CA ASN A 52 -7.73 3.85 19.90
C ASN A 52 -7.29 3.73 21.35
N HIS A 53 -6.65 2.63 21.73
CA HIS A 53 -6.24 2.49 23.11
C HIS A 53 -5.15 3.51 23.43
N PRO A 54 -5.26 4.14 24.61
CA PRO A 54 -4.34 5.21 25.04
C PRO A 54 -2.87 4.82 24.91
N GLU A 55 -2.61 3.52 25.01
CA GLU A 55 -1.24 3.02 24.93
C GLU A 55 -0.69 3.11 23.52
N ASN A 56 -1.57 3.05 22.53
CA ASN A 56 -1.14 2.92 21.14
C ASN A 56 -1.25 4.22 20.35
N LYS A 57 -1.77 5.27 20.99
CA LYS A 57 -1.94 6.55 20.32
C LYS A 57 -0.65 7.05 19.66
N HIS A 58 0.45 7.04 20.41
CA HIS A 58 1.70 7.58 19.87
C HIS A 58 2.21 6.73 18.71
N LYS A 59 1.53 5.63 18.44
CA LYS A 59 1.96 4.72 17.38
C LYS A 59 1.22 4.96 16.07
N ASN A 60 0.26 5.88 16.11
CA ASN A 60 -0.51 6.25 14.92
C ASN A 60 -0.02 7.58 14.38
N ARG A 61 0.34 7.61 13.10
CA ARG A 61 0.84 8.84 12.48
C ARG A 61 -0.26 9.90 12.45
N TYR A 62 -1.47 9.47 12.11
CA TYR A 62 -2.62 10.36 12.11
C TYR A 62 -3.70 9.80 13.03
N ILE A 63 -4.31 10.67 13.83
CA ILE A 63 -5.24 10.23 14.87
C ILE A 63 -6.52 9.64 14.29
N ASN A 64 -6.81 9.99 13.04
CA ASN A 64 -8.04 9.57 12.41
C ASN A 64 -7.82 8.41 11.44
N ILE A 65 -6.58 7.99 11.27
CA ILE A 65 -6.28 6.89 10.36
C ILE A 65 -5.91 5.64 11.16
N LEU A 66 -6.85 4.71 11.23
CA LEU A 66 -6.76 3.60 12.17
C LEU A 66 -6.58 2.28 11.45
N ALA A 67 -6.34 1.22 12.22
CA ALA A 67 -6.24 -0.13 11.69
C ALA A 67 -7.36 -1.00 12.25
N TYR A 68 -8.32 -1.37 11.40
CA TYR A 68 -9.45 -2.19 11.82
C TYR A 68 -8.98 -3.45 12.59
N ASP A 69 -9.67 -3.76 13.68
CA ASP A 69 -9.28 -4.88 14.54
C ASP A 69 -9.16 -6.20 13.78
N HIS A 70 -10.19 -6.54 13.00
CA HIS A 70 -10.29 -7.88 12.46
C HIS A 70 -9.15 -8.20 11.50
N SER A 71 -8.67 -7.16 10.81
CA SER A 71 -7.66 -7.34 9.77
C SER A 71 -6.27 -6.86 10.21
N ARG A 72 -6.17 -6.27 11.40
CA ARG A 72 -4.90 -5.67 11.83
C ARG A 72 -3.79 -6.71 11.93
N VAL A 73 -2.59 -6.35 11.46
CA VAL A 73 -1.43 -7.22 11.62
C VAL A 73 -1.02 -7.22 13.09
N LYS A 74 -0.75 -8.39 13.63
CA LYS A 74 -0.37 -8.48 15.03
C LYS A 74 1.11 -8.77 15.16
N LEU A 75 1.78 -8.03 16.04
CA LEU A 75 3.16 -8.33 16.39
C LEU A 75 3.12 -9.39 17.49
N ARG A 76 4.07 -10.32 17.46
CA ARG A 76 4.26 -11.22 18.60
C ARG A 76 4.51 -10.37 19.84
N PRO A 77 3.77 -10.64 20.93
CA PRO A 77 3.91 -9.81 22.14
C PRO A 77 5.28 -9.92 22.81
N LEU A 78 5.65 -8.87 23.53
CA LEU A 78 6.94 -8.81 24.23
C LEU A 78 6.76 -8.86 25.74
N PRO A 79 7.69 -9.51 26.45
CA PRO A 79 7.70 -9.62 27.91
C PRO A 79 7.69 -8.26 28.62
N GLY A 80 7.22 -8.23 29.87
CA GLY A 80 6.85 -9.46 30.56
C GLY A 80 5.37 -9.73 30.58
N SER A 83 4.94 -5.47 27.07
CA SER A 83 3.70 -4.79 27.43
C SER A 83 2.51 -5.45 26.72
N LYS A 84 1.31 -5.20 27.25
CA LYS A 84 0.10 -5.83 26.71
C LYS A 84 -0.14 -5.36 25.28
N HIS A 85 0.33 -4.16 24.96
CA HIS A 85 0.04 -3.55 23.67
C HIS A 85 1.25 -3.51 22.76
N SER A 86 2.26 -4.31 23.09
CA SER A 86 3.43 -4.46 22.24
C SER A 86 3.10 -5.27 20.99
N ASP A 87 1.82 -5.60 20.82
CA ASP A 87 1.39 -6.36 19.65
C ASP A 87 0.84 -5.46 18.56
N TYR A 88 0.67 -4.18 18.86
CA TYR A 88 0.02 -3.26 17.95
C TYR A 88 0.97 -2.53 16.99
N ILE A 89 0.61 -2.53 15.71
CA ILE A 89 1.18 -1.63 14.72
C ILE A 89 0.04 -1.20 13.80
N ASN A 90 0.07 0.03 13.32
CA ASN A 90 -1.01 0.51 12.47
C ASN A 90 -0.83 -0.07 11.08
N ALA A 91 -1.47 -1.20 10.84
CA ALA A 91 -1.27 -1.98 9.62
C ALA A 91 -2.37 -3.05 9.49
N ASN A 92 -2.81 -3.31 8.26
CA ASN A 92 -3.85 -4.30 8.02
C ASN A 92 -3.47 -5.20 6.85
N TYR A 93 -3.83 -6.48 6.96
CA TYR A 93 -3.81 -7.36 5.81
C TYR A 93 -4.87 -6.87 4.83
N VAL A 94 -4.57 -6.91 3.54
CA VAL A 94 -5.57 -6.61 2.53
C VAL A 94 -5.49 -7.68 1.47
N ASP A 95 -6.65 -8.03 0.89
CA ASP A 95 -6.69 -9.03 -0.16
C ASP A 95 -6.09 -8.50 -1.45
N GLY A 96 -5.47 -9.40 -2.20
CA GLY A 96 -5.15 -9.13 -3.58
C GLY A 96 -6.15 -9.88 -4.44
N TYR A 97 -5.93 -9.90 -5.75
CA TYR A 97 -6.81 -10.65 -6.63
C TYR A 97 -6.60 -12.13 -6.39
N ASN A 98 -5.34 -12.55 -6.45
CA ASN A 98 -4.99 -13.94 -6.27
C ASN A 98 -5.42 -14.43 -4.88
N LYS A 99 -4.63 -14.09 -3.87
CA LYS A 99 -4.84 -14.64 -2.53
C LYS A 99 -5.41 -13.64 -1.53
N ALA A 100 -5.97 -14.17 -0.45
CA ALA A 100 -6.31 -13.36 0.71
C ALA A 100 -5.02 -12.86 1.35
N LYS A 101 -5.08 -11.70 1.99
CA LYS A 101 -3.93 -11.17 2.72
C LYS A 101 -2.68 -11.09 1.84
N ALA A 102 -2.86 -10.68 0.59
CA ALA A 102 -1.72 -10.56 -0.34
C ALA A 102 -0.84 -9.36 0.00
N TYR A 103 -1.38 -8.44 0.78
CA TYR A 103 -0.68 -7.20 1.11
C TYR A 103 -0.78 -6.93 2.59
N ILE A 104 0.25 -6.28 3.12
CA ILE A 104 0.10 -5.51 4.35
C ILE A 104 0.12 -4.01 3.99
N ALA A 105 -1.01 -3.35 4.19
CA ALA A 105 -1.12 -1.91 3.99
C ALA A 105 -0.85 -1.24 5.32
N THR A 106 0.14 -0.35 5.37
CA THR A 106 0.52 0.30 6.62
C THR A 106 0.97 1.75 6.44
N GLN A 107 1.01 2.50 7.53
CA GLN A 107 1.41 3.91 7.46
C GLN A 107 2.93 4.01 7.28
N GLY A 108 3.40 5.16 6.80
CA GLY A 108 4.84 5.40 6.83
C GLY A 108 5.31 5.36 8.26
N PRO A 109 6.32 4.55 8.58
CA PRO A 109 6.77 4.33 9.96
C PRO A 109 7.17 5.66 10.62
N LEU A 110 6.98 5.73 11.93
CA LEU A 110 7.51 6.82 12.73
C LEU A 110 8.82 6.32 13.35
N LYS A 111 9.67 7.24 13.77
CA LYS A 111 10.89 6.84 14.47
C LYS A 111 10.52 5.94 15.65
N SER A 112 9.43 6.26 16.32
CA SER A 112 9.01 5.54 17.52
C SER A 112 8.45 4.15 17.22
N THR A 113 8.21 3.86 15.94
CA THR A 113 7.71 2.55 15.55
C THR A 113 8.59 1.82 14.54
N PHE A 114 9.83 2.27 14.38
CA PHE A 114 10.79 1.63 13.47
C PHE A 114 11.06 0.16 13.82
N GLU A 115 11.16 -0.14 15.11
CA GLU A 115 11.43 -1.51 15.55
C GLU A 115 10.23 -2.41 15.27
N ASP A 116 9.05 -1.92 15.60
CA ASP A 116 7.81 -2.64 15.30
C ASP A 116 7.76 -2.92 13.81
N PHE A 117 8.07 -1.89 13.03
CA PHE A 117 7.95 -1.97 11.59
C PHE A 117 8.84 -3.09 11.04
N TRP A 118 10.09 -3.13 11.47
CA TRP A 118 11.00 -4.17 10.96
C TRP A 118 10.72 -5.52 11.61
N ARG A 119 10.22 -5.50 12.83
CA ARG A 119 9.87 -6.75 13.48
C ARG A 119 8.73 -7.41 12.71
N MET A 120 7.73 -6.61 12.35
CA MET A 120 6.61 -7.10 11.55
C MET A 120 7.10 -7.71 10.25
N ILE A 121 8.00 -7.01 9.57
CA ILE A 121 8.55 -7.51 8.33
C ILE A 121 9.23 -8.87 8.54
N TRP A 122 9.94 -9.02 9.66
CA TRP A 122 10.58 -10.30 9.93
C TRP A 122 9.52 -11.37 10.20
N GLU A 123 8.70 -11.12 11.21
CA GLU A 123 7.67 -12.07 11.62
C GLU A 123 6.73 -12.49 10.49
N GLN A 124 6.46 -11.59 9.55
CA GLN A 124 5.52 -11.88 8.47
C GLN A 124 6.20 -12.45 7.23
N ASN A 125 7.53 -12.57 7.29
CA ASN A 125 8.28 -13.10 6.16
C ASN A 125 8.09 -12.24 4.91
N THR A 126 7.89 -10.94 5.10
CA THR A 126 7.75 -10.02 3.99
C THR A 126 9.08 -9.89 3.26
N GLY A 127 9.02 -9.87 1.93
CA GLY A 127 10.24 -9.79 1.15
C GLY A 127 10.30 -8.58 0.22
N ILE A 128 9.18 -7.88 0.09
CA ILE A 128 9.09 -6.72 -0.80
C ILE A 128 8.44 -5.56 -0.06
N ILE A 129 9.06 -4.38 -0.16
CA ILE A 129 8.47 -3.16 0.37
C ILE A 129 8.12 -2.23 -0.79
N VAL A 130 6.89 -1.72 -0.80
CA VAL A 130 6.51 -0.72 -1.78
C VAL A 130 6.23 0.61 -1.08
N MET A 131 7.10 1.59 -1.31
CA MET A 131 6.98 2.89 -0.67
C MET A 131 6.46 3.90 -1.67
N ILE A 132 5.33 4.54 -1.37
CA ILE A 132 4.67 5.40 -2.35
C ILE A 132 4.52 6.81 -1.81
N THR A 133 5.65 7.38 -1.39
CA THR A 133 5.70 8.73 -0.86
C THR A 133 7.17 9.10 -0.78
N ASN A 134 7.48 10.39 -0.70
CA ASN A 134 8.83 10.80 -0.33
C ASN A 134 8.80 11.11 1.15
N LEU A 135 9.97 11.20 1.76
CA LEU A 135 10.06 11.50 3.18
C LEU A 135 9.40 12.84 3.45
N VAL A 136 9.66 13.80 2.55
CA VAL A 136 9.11 15.15 2.67
C VAL A 136 8.48 15.54 1.35
N GLU A 137 7.28 16.08 1.41
CA GLU A 137 6.64 16.57 0.19
C GLU A 137 6.05 17.95 0.41
N LYS A 138 6.34 18.85 -0.52
CA LYS A 138 5.90 20.23 -0.43
C LYS A 138 6.19 20.80 0.96
N GLY A 139 7.42 20.56 1.43
CA GLY A 139 7.84 21.08 2.72
C GLY A 139 7.16 20.42 3.92
N ARG A 140 6.47 19.31 3.69
CA ARG A 140 5.74 18.65 4.77
C ARG A 140 6.27 17.25 5.07
N ARG A 141 6.25 16.90 6.35
CA ARG A 141 6.76 15.62 6.80
C ARG A 141 5.77 14.50 6.48
N LYS A 142 6.19 13.55 5.65
CA LYS A 142 5.31 12.48 5.23
C LYS A 142 5.70 11.13 5.84
N CYS A 143 7.00 10.90 5.96
CA CYS A 143 7.53 9.62 6.39
C CYS A 143 8.94 9.80 6.94
N ASP A 144 9.24 9.11 8.04
CA ASP A 144 10.59 9.11 8.59
C ASP A 144 11.40 8.00 7.95
N GLN A 145 12.71 8.20 7.85
CA GLN A 145 13.55 7.26 7.12
C GLN A 145 13.90 6.05 7.96
N TYR A 146 13.29 4.92 7.62
CA TYR A 146 13.35 3.70 8.40
C TYR A 146 14.45 2.77 7.91
N TRP A 147 15.26 3.25 6.97
CA TRP A 147 16.34 2.44 6.42
C TRP A 147 17.67 3.19 6.47
N PRO A 148 18.80 2.45 6.39
CA PRO A 148 20.14 3.05 6.40
C PRO A 148 20.46 3.78 5.09
N THR A 149 20.94 5.02 5.21
CA THR A 149 21.46 5.75 4.07
C THR A 149 22.61 4.98 3.42
N GLU A 150 23.46 4.37 4.23
CA GLU A 150 24.50 3.49 3.71
C GLU A 150 24.94 2.49 4.77
N ASN A 151 25.49 1.37 4.33
CA ASN A 151 25.89 0.31 5.25
C ASN A 151 24.70 -0.16 6.08
N SER A 152 24.91 -0.28 7.39
CA SER A 152 23.93 -0.94 8.24
C SER A 152 23.31 -0.02 9.29
N GLU A 153 22.16 -0.45 9.79
CA GLU A 153 21.47 0.25 10.88
C GLU A 153 20.71 -0.80 11.68
N GLU A 154 20.65 -0.61 12.99
CA GLU A 154 19.99 -1.57 13.86
C GLU A 154 18.66 -1.05 14.35
N TYR A 155 17.62 -1.87 14.22
CA TYR A 155 16.32 -1.54 14.79
C TYR A 155 15.90 -2.73 15.63
N GLY A 156 15.92 -2.55 16.94
CA GLY A 156 15.68 -3.69 17.82
C GLY A 156 16.60 -4.83 17.44
N ASN A 157 16.04 -6.00 17.21
CA ASN A 157 16.83 -7.20 16.93
C ASN A 157 17.02 -7.42 15.45
N ILE A 158 16.56 -6.47 14.66
CA ILE A 158 16.76 -6.53 13.22
C ILE A 158 17.85 -5.56 12.81
N ILE A 159 18.85 -6.07 12.10
CA ILE A 159 19.91 -5.23 11.58
C ILE A 159 19.83 -5.18 10.06
N VAL A 160 19.67 -3.96 9.53
CA VAL A 160 19.38 -3.79 8.12
C VAL A 160 20.61 -3.28 7.37
N THR A 161 20.97 -3.97 6.30
CA THR A 161 22.14 -3.59 5.53
C THR A 161 21.79 -3.29 4.08
N LEU A 162 22.02 -2.04 3.67
CA LEU A 162 21.82 -1.62 2.28
C LEU A 162 22.88 -2.23 1.39
N LYS A 163 22.46 -3.02 0.40
CA LYS A 163 23.41 -3.75 -0.44
C LYS A 163 23.63 -3.04 -1.76
N SER A 164 22.57 -2.49 -2.32
CA SER A 164 22.67 -1.82 -3.59
C SER A 164 21.45 -0.95 -3.85
N THR A 165 21.58 -0.04 -4.81
CA THR A 165 20.54 0.92 -5.14
C THR A 165 20.58 1.16 -6.64
N LYS A 166 19.40 1.20 -7.25
CA LYS A 166 19.30 1.69 -8.61
C LYS A 166 18.25 2.78 -8.64
N ILE A 167 18.66 3.96 -9.10
CA ILE A 167 17.80 5.13 -9.09
C ILE A 167 17.31 5.40 -10.50
N HIS A 168 16.03 5.16 -10.72
CA HIS A 168 15.41 5.39 -12.02
C HIS A 168 14.83 6.79 -12.08
N ALA A 169 14.34 7.17 -13.26
CA ALA A 169 13.67 8.44 -13.45
C ALA A 169 12.58 8.71 -12.41
N CYS A 170 11.75 7.69 -12.15
CA CYS A 170 10.52 7.90 -11.39
C CYS A 170 10.46 7.09 -10.10
N TYR A 171 11.43 6.21 -9.90
CA TYR A 171 11.44 5.40 -8.69
C TYR A 171 12.81 4.83 -8.41
N THR A 172 13.02 4.43 -7.17
CA THR A 172 14.29 3.88 -6.74
C THR A 172 14.09 2.48 -6.15
N VAL A 173 15.00 1.57 -6.52
CA VAL A 173 15.01 0.23 -5.99
C VAL A 173 16.21 0.05 -5.07
N ARG A 174 15.96 -0.22 -3.80
CA ARG A 174 17.04 -0.52 -2.86
C ARG A 174 16.97 -1.98 -2.42
N ARG A 175 18.09 -2.68 -2.54
CA ARG A 175 18.18 -4.06 -2.08
C ARG A 175 18.85 -4.11 -0.70
N PHE A 176 18.10 -4.58 0.29
CA PHE A 176 18.62 -4.75 1.64
C PHE A 176 18.86 -6.21 1.96
N SER A 177 19.79 -6.47 2.86
CA SER A 177 19.85 -7.75 3.56
C SER A 177 19.59 -7.48 5.04
N ILE A 178 18.61 -8.16 5.61
CA ILE A 178 18.32 -7.95 7.01
C ILE A 178 18.66 -9.19 7.83
N ARG A 179 19.04 -8.97 9.08
CA ARG A 179 19.47 -10.04 9.94
C ARG A 179 18.79 -9.92 11.29
N ASN A 180 18.29 -11.04 11.78
CA ASN A 180 17.72 -11.10 13.12
C ASN A 180 18.78 -11.59 14.11
N THR A 181 19.19 -10.71 15.03
CA THR A 181 20.21 -11.07 16.00
C THR A 181 19.65 -12.14 16.95
N LYS A 182 18.33 -12.15 17.10
CA LYS A 182 17.62 -13.12 17.94
C LYS A 182 17.79 -12.81 19.42
N GLN A 195 23.58 -15.02 12.33
CA GLN A 195 22.14 -15.06 12.49
C GLN A 195 21.46 -15.40 11.16
N ASN A 196 20.13 -15.54 11.18
CA ASN A 196 19.39 -15.83 9.96
C ASN A 196 19.14 -14.55 9.16
N GLU A 197 19.34 -14.64 7.84
CA GLU A 197 19.33 -13.46 6.98
C GLU A 197 18.32 -13.60 5.84
N ARG A 198 17.76 -12.47 5.43
CA ARG A 198 16.84 -12.44 4.29
C ARG A 198 17.11 -11.25 3.39
N VAL A 199 16.79 -11.40 2.12
CA VAL A 199 16.77 -10.27 1.19
C VAL A 199 15.42 -9.58 1.26
N VAL A 200 15.44 -8.27 1.48
CA VAL A 200 14.25 -7.45 1.32
C VAL A 200 14.51 -6.38 0.27
N ILE A 201 13.64 -6.30 -0.72
CA ILE A 201 13.77 -5.29 -1.76
C ILE A 201 12.71 -4.21 -1.64
N GLN A 202 13.15 -2.96 -1.65
CA GLN A 202 12.26 -1.82 -1.50
C GLN A 202 12.08 -1.11 -2.85
N TYR A 203 10.82 -1.00 -3.29
CA TYR A 203 10.47 -0.19 -4.45
C TYR A 203 9.86 1.11 -3.99
N HIS A 204 10.54 2.20 -4.31
CA HIS A 204 10.25 3.51 -3.74
C HIS A 204 9.91 4.43 -4.91
N TYR A 205 8.65 4.84 -5.01
CA TYR A 205 8.27 5.77 -6.08
C TYR A 205 8.56 7.18 -5.61
N THR A 206 9.35 7.90 -6.41
CA THR A 206 10.03 9.10 -5.94
C THR A 206 9.55 10.38 -6.61
N GLN A 207 8.76 10.24 -7.67
CA GLN A 207 8.38 11.41 -8.48
C GLN A 207 7.08 12.03 -8.02
N TRP A 208 7.19 13.10 -7.23
CA TRP A 208 6.03 13.79 -6.69
C TRP A 208 6.08 15.29 -6.95
N PRO A 209 5.02 15.83 -7.59
CA PRO A 209 5.03 17.22 -8.08
C PRO A 209 5.08 18.25 -6.96
N ASP A 210 5.84 19.33 -7.19
CA ASP A 210 5.85 20.46 -6.28
C ASP A 210 4.46 21.08 -6.21
N MET A 211 3.78 21.11 -7.35
CA MET A 211 2.43 21.65 -7.42
C MET A 211 1.44 20.58 -7.84
N GLY A 212 0.27 20.58 -7.20
CA GLY A 212 -0.79 19.69 -7.60
C GLY A 212 -0.44 18.22 -7.39
N VAL A 213 -1.02 17.36 -8.23
CA VAL A 213 -0.95 15.93 -8.01
C VAL A 213 -0.49 15.20 -9.28
N PRO A 214 -0.06 13.94 -9.14
CA PRO A 214 0.38 13.18 -10.32
C PRO A 214 -0.74 13.10 -11.35
N GLU A 215 -0.37 13.01 -12.62
CA GLU A 215 -1.36 13.03 -13.69
C GLU A 215 -1.19 11.89 -14.69
N TYR A 216 0.02 11.71 -15.21
CA TYR A 216 0.34 10.68 -16.19
C TYR A 216 0.54 9.32 -15.53
N ALA A 217 -0.16 8.30 -16.02
CA ALA A 217 -0.21 7.01 -15.35
C ALA A 217 0.87 6.01 -15.79
N LEU A 218 1.42 6.19 -16.98
CA LEU A 218 2.31 5.18 -17.56
C LEU A 218 3.53 4.83 -16.69
N PRO A 219 4.22 5.84 -16.13
CA PRO A 219 5.39 5.54 -15.28
C PRO A 219 4.97 4.74 -14.06
N VAL A 220 3.77 5.01 -13.56
CA VAL A 220 3.25 4.28 -12.42
C VAL A 220 2.94 2.83 -12.79
N LEU A 221 2.34 2.64 -13.96
CA LEU A 221 2.04 1.30 -14.44
C LEU A 221 3.31 0.48 -14.43
N THR A 222 4.38 1.05 -14.95
CA THR A 222 5.66 0.36 -15.05
C THR A 222 6.19 0.03 -13.65
N PHE A 223 6.07 0.99 -12.75
CA PHE A 223 6.45 0.77 -11.36
C PHE A 223 5.64 -0.38 -10.73
N VAL A 224 4.34 -0.42 -11.03
CA VAL A 224 3.50 -1.48 -10.48
C VAL A 224 3.92 -2.85 -11.02
N ARG A 225 4.11 -2.95 -12.34
CA ARG A 225 4.48 -4.20 -12.96
C ARG A 225 5.78 -4.76 -12.39
N ARG A 226 6.79 -3.91 -12.28
CA ARG A 226 8.09 -4.38 -11.87
C ARG A 226 8.12 -4.72 -10.40
N SER A 227 7.48 -3.90 -9.57
CA SER A 227 7.46 -4.20 -8.15
C SER A 227 6.61 -5.44 -7.88
N SER A 228 5.55 -5.62 -8.66
CA SER A 228 4.66 -6.77 -8.47
C SER A 228 5.37 -8.05 -8.89
N ALA A 229 6.07 -8.00 -10.02
CA ALA A 229 6.78 -9.16 -10.54
C ALA A 229 7.90 -9.59 -9.61
N ALA A 230 8.35 -8.70 -8.73
CA ALA A 230 9.43 -9.00 -7.82
C ALA A 230 8.99 -9.96 -6.71
N ARG A 231 7.68 -10.09 -6.52
CA ARG A 231 7.17 -10.96 -5.46
C ARG A 231 7.67 -12.39 -5.65
N MET A 232 8.09 -13.02 -4.56
CA MET A 232 8.63 -14.37 -4.61
C MET A 232 7.66 -15.38 -4.01
N PRO A 233 7.43 -16.50 -4.71
CA PRO A 233 6.73 -17.65 -4.13
C PRO A 233 7.73 -18.42 -3.29
N GLU A 234 7.31 -18.90 -2.12
CA GLU A 234 6.10 -18.42 -1.48
C GLU A 234 6.60 -17.64 -0.28
N THR A 235 6.15 -16.40 -0.17
CA THR A 235 6.68 -15.49 0.85
C THR A 235 5.53 -14.79 1.54
N GLY A 236 5.86 -13.96 2.52
CA GLY A 236 4.84 -13.19 3.19
C GLY A 236 4.22 -12.14 2.29
N PRO A 237 3.21 -11.43 2.80
CA PRO A 237 2.53 -10.39 2.02
C PRO A 237 3.46 -9.23 1.68
N VAL A 238 3.22 -8.58 0.55
CA VAL A 238 3.98 -7.39 0.17
C VAL A 238 3.59 -6.23 1.08
N LEU A 239 4.56 -5.54 1.65
CA LEU A 239 4.26 -4.36 2.44
C LEU A 239 4.15 -3.11 1.54
N VAL A 240 3.02 -2.42 1.65
CA VAL A 240 2.73 -1.25 0.84
C VAL A 240 2.41 -0.12 1.81
N HIS A 241 3.15 0.99 1.70
CA HIS A 241 2.86 2.14 2.52
C HIS A 241 3.06 3.43 1.75
N CYS A 242 2.31 4.44 2.14
CA CYS A 242 2.63 5.79 1.72
C CYS A 242 2.86 6.59 2.99
N SER A 243 2.04 7.61 3.23
CA SER A 243 2.17 8.36 4.48
C SER A 243 1.17 7.83 5.51
N ALA A 244 -0.12 8.01 5.24
CA ALA A 244 -1.17 7.46 6.08
C ALA A 244 -1.36 5.97 5.80
N GLY A 245 -0.93 5.54 4.62
CA GLY A 245 -1.06 4.14 4.26
C GLY A 245 -2.45 3.75 3.80
N VAL A 246 -3.21 4.71 3.26
CA VAL A 246 -4.56 4.42 2.75
C VAL A 246 -4.82 4.87 1.31
N GLY A 247 -4.46 6.11 0.98
CA GLY A 247 -4.81 6.65 -0.32
C GLY A 247 -3.99 6.08 -1.47
N ARG A 248 -2.72 6.46 -1.53
CA ARG A 248 -1.80 5.95 -2.54
C ARG A 248 -1.61 4.46 -2.39
N THR A 249 -1.60 3.99 -1.15
CA THR A 249 -1.50 2.56 -0.87
C THR A 249 -2.67 1.78 -1.49
N GLY A 250 -3.89 2.28 -1.29
CA GLY A 250 -5.05 1.60 -1.86
C GLY A 250 -5.05 1.64 -3.38
N THR A 251 -4.53 2.73 -3.92
CA THR A 251 -4.46 2.91 -5.37
C THR A 251 -3.53 1.86 -5.98
N TYR A 252 -2.39 1.63 -5.35
CA TYR A 252 -1.46 0.61 -5.78
C TYR A 252 -2.14 -0.78 -5.74
N ILE A 253 -2.77 -1.06 -4.61
CA ILE A 253 -3.40 -2.36 -4.41
C ILE A 253 -4.48 -2.64 -5.47
N VAL A 254 -5.33 -1.67 -5.76
CA VAL A 254 -6.35 -1.89 -6.79
C VAL A 254 -5.74 -2.06 -8.18
N ILE A 255 -4.75 -1.22 -8.52
CA ILE A 255 -4.15 -1.32 -9.85
C ILE A 255 -3.46 -2.67 -10.02
N ASP A 256 -2.70 -3.07 -9.02
CA ASP A 256 -2.00 -4.34 -9.06
C ASP A 256 -3.00 -5.52 -9.17
N SER A 257 -4.00 -5.53 -8.31
CA SER A 257 -4.97 -6.62 -8.31
C SER A 257 -5.73 -6.70 -9.63
N MET A 258 -6.15 -5.57 -10.15
CA MET A 258 -6.95 -5.57 -11.37
C MET A 258 -6.13 -5.98 -12.58
N LEU A 259 -4.83 -5.71 -12.56
CA LEU A 259 -3.95 -6.21 -13.62
C LEU A 259 -3.87 -7.73 -13.54
N GLN A 260 -3.79 -8.28 -12.33
CA GLN A 260 -3.82 -9.73 -12.16
C GLN A 260 -5.12 -10.26 -12.76
N GLN A 261 -6.24 -9.64 -12.40
CA GLN A 261 -7.53 -10.12 -12.86
C GLN A 261 -7.61 -10.04 -14.38
N ILE A 262 -7.11 -8.95 -14.95
CA ILE A 262 -7.15 -8.81 -16.40
C ILE A 262 -6.35 -9.94 -17.05
N LYS A 263 -5.15 -10.19 -16.52
CA LYS A 263 -4.28 -11.22 -17.08
C LYS A 263 -4.93 -12.59 -17.01
N ASP A 264 -5.65 -12.83 -15.92
CA ASP A 264 -6.25 -14.13 -15.66
C ASP A 264 -7.56 -14.32 -16.44
N LYS A 265 -8.48 -13.37 -16.31
CA LYS A 265 -9.83 -13.53 -16.85
C LYS A 265 -10.18 -12.53 -17.94
N SER A 266 -9.33 -11.53 -18.14
CA SER A 266 -9.61 -10.47 -19.10
C SER A 266 -10.91 -9.74 -18.74
N THR A 267 -11.16 -9.62 -17.44
CA THR A 267 -12.23 -8.76 -16.94
C THR A 267 -11.70 -7.84 -15.86
N VAL A 268 -12.48 -6.81 -15.54
CA VAL A 268 -12.08 -5.81 -14.57
C VAL A 268 -13.24 -5.55 -13.64
N ASN A 269 -12.96 -5.39 -12.35
CA ASN A 269 -13.99 -4.97 -11.41
C ASN A 269 -13.44 -3.99 -10.37
N VAL A 270 -13.15 -2.77 -10.81
CA VAL A 270 -12.56 -1.78 -9.92
C VAL A 270 -13.47 -1.42 -8.75
N LEU A 271 -14.73 -1.11 -9.05
CA LEU A 271 -15.65 -0.64 -8.03
C LEU A 271 -15.96 -1.72 -6.99
N GLY A 272 -16.13 -2.96 -7.45
CA GLY A 272 -16.44 -4.05 -6.54
C GLY A 272 -15.26 -4.44 -5.68
N PHE A 273 -14.07 -4.51 -6.27
CA PHE A 273 -12.88 -4.87 -5.51
C PHE A 273 -12.57 -3.80 -4.46
N LEU A 274 -12.74 -2.53 -4.82
CA LEU A 274 -12.42 -1.44 -3.89
C LEU A 274 -13.38 -1.40 -2.71
N LYS A 275 -14.67 -1.67 -2.97
CA LYS A 275 -15.64 -1.68 -1.88
C LYS A 275 -15.30 -2.79 -0.90
N HIS A 276 -14.81 -3.91 -1.43
CA HIS A 276 -14.40 -5.05 -0.61
C HIS A 276 -13.22 -4.69 0.29
N ILE A 277 -12.12 -4.24 -0.28
CA ILE A 277 -10.95 -3.97 0.56
C ILE A 277 -11.14 -2.79 1.50
N ARG A 278 -12.14 -1.93 1.22
CA ARG A 278 -12.50 -0.87 2.14
C ARG A 278 -12.95 -1.40 3.51
N THR A 279 -13.40 -2.66 3.56
CA THR A 279 -13.74 -3.26 4.85
C THR A 279 -12.48 -3.71 5.60
N GLN A 280 -11.35 -3.77 4.90
CA GLN A 280 -10.11 -4.27 5.50
C GLN A 280 -9.12 -3.20 5.97
N ARG A 281 -9.20 -2.01 5.39
CA ARG A 281 -8.52 -0.86 5.99
C ARG A 281 -9.26 0.40 5.59
N ASN A 282 -9.50 1.30 6.54
CA ASN A 282 -10.28 2.49 6.25
C ASN A 282 -9.64 3.31 5.14
N TYR A 283 -10.50 3.86 4.27
CA TYR A 283 -10.11 4.94 3.36
C TYR A 283 -9.18 4.54 2.21
N LEU A 284 -8.99 3.24 1.98
CA LEU A 284 -8.14 2.84 0.87
C LEU A 284 -8.63 3.50 -0.41
N VAL A 285 -7.70 4.10 -1.16
CA VAL A 285 -8.04 5.00 -2.27
C VAL A 285 -8.85 6.17 -1.74
N GLN A 286 -8.19 7.28 -1.48
CA GLN A 286 -8.75 8.32 -0.63
C GLN A 286 -9.48 9.45 -1.36
N THR A 287 -9.14 9.66 -2.63
CA THR A 287 -9.73 10.76 -3.39
C THR A 287 -10.25 10.30 -4.73
N GLU A 288 -11.21 11.06 -5.26
CA GLU A 288 -11.74 10.79 -6.58
C GLU A 288 -10.63 10.79 -7.63
N GLU A 289 -9.65 11.67 -7.45
CA GLU A 289 -8.53 11.78 -8.39
C GLU A 289 -7.71 10.49 -8.45
N GLN A 290 -7.45 9.91 -7.28
CA GLN A 290 -6.79 8.60 -7.21
C GLN A 290 -7.65 7.51 -7.85
N TYR A 291 -8.96 7.60 -7.59
CA TYR A 291 -9.89 6.63 -8.16
C TYR A 291 -9.85 6.70 -9.69
N ILE A 292 -9.78 7.92 -10.24
CA ILE A 292 -9.70 8.10 -11.68
C ILE A 292 -8.35 7.60 -12.20
N PHE A 293 -7.30 7.88 -11.45
CA PHE A 293 -5.94 7.48 -11.80
C PHE A 293 -5.85 5.97 -11.99
N ILE A 294 -6.52 5.22 -11.12
CA ILE A 294 -6.59 3.77 -11.24
C ILE A 294 -7.04 3.36 -12.64
N HIS A 295 -8.08 4.04 -13.13
CA HIS A 295 -8.61 3.72 -14.44
C HIS A 295 -7.62 4.06 -15.57
N ASP A 296 -6.92 5.18 -15.43
CA ASP A 296 -5.92 5.58 -16.41
C ASP A 296 -4.79 4.56 -16.48
N ALA A 297 -4.35 4.07 -15.32
CA ALA A 297 -3.31 3.05 -15.32
C ALA A 297 -3.78 1.82 -16.08
N LEU A 298 -5.01 1.38 -15.81
CA LEU A 298 -5.51 0.15 -16.41
C LEU A 298 -5.78 0.38 -17.89
N LEU A 299 -6.28 1.56 -18.22
CA LEU A 299 -6.43 1.96 -19.62
C LEU A 299 -5.08 1.86 -20.35
N GLU A 300 -4.02 2.40 -19.76
CA GLU A 300 -2.69 2.31 -20.37
C GLU A 300 -2.27 0.86 -20.60
N ALA A 301 -2.62 -0.01 -19.66
CA ALA A 301 -2.21 -1.41 -19.73
C ALA A 301 -2.98 -2.14 -20.84
N ILE A 302 -4.24 -1.76 -21.03
CA ILE A 302 -5.08 -2.42 -22.02
C ILE A 302 -4.76 -1.92 -23.43
N LEU A 303 -4.59 -0.60 -23.57
CA LEU A 303 -4.27 -0.01 -24.86
C LEU A 303 -2.88 -0.38 -25.32
N GLY A 304 -1.95 -0.49 -24.38
CA GLY A 304 -0.61 -0.93 -24.73
C GLY A 304 -0.63 -2.36 -25.21
N LYS A 305 -1.80 -2.82 -25.63
CA LYS A 305 -2.05 -4.21 -26.01
C LYS A 305 -1.94 -5.10 -24.77
#